data_9R5Y
#
_entry.id   9R5Y
#
_cell.length_a   77.535
_cell.length_b   90.152
_cell.length_c   104.409
_cell.angle_alpha   90.000
_cell.angle_beta   90.000
_cell.angle_gamma   90.000
#
_symmetry.space_group_name_H-M   'P 21 21 21'
#
loop_
_entity.id
_entity.type
_entity.pdbx_description
1 polymer Tenascin
2 polymer Adhiron
3 water water
#
loop_
_entity_poly.entity_id
_entity_poly.type
_entity_poly.pdbx_seq_one_letter_code
_entity_poly.pdbx_strand_id
1 'polypeptide(L)'
;LLYPFPKDCSQAMLNGDTTSGLYTIYLNGDKAQALEVFCDMTSDGGGWIVFLRRKNGRENFYQNWKAYAAGFGDRREEFW
LGLDNLNKITAQGQYELRVDLRDHGETAFAVYDKFSVGDAKTRYKLKVEGYSGTAGDSMAYHNGRSFSTFDKDTDSAITN
CALSYKGAFWYRNCHRVNLMGRYGDNNHSEGVNWFHWKGHEHSIQFAEMKLRPSNFRNA
;
A,D
2 'polypeptide(L)'
;SLEIEELARFAVDEHNKKENALLEFVRVVKAKEQGANMHAYADTMYYLTLEAKDGGKKKLYEAKVWVKWEMSRRLMTNFK
ELQEFKPV
;
B,C
#
# COMPACT_ATOMS: atom_id res chain seq x y z
N LEU A 1 -15.59 -23.82 22.62
CA LEU A 1 -15.13 -22.50 23.17
C LEU A 1 -16.33 -21.57 23.36
N LEU A 2 -16.27 -20.71 24.38
CA LEU A 2 -17.31 -19.67 24.67
C LEU A 2 -17.48 -18.79 23.42
N TYR A 3 -16.36 -18.35 22.84
CA TYR A 3 -16.30 -17.56 21.59
C TYR A 3 -15.51 -18.34 20.55
N PRO A 4 -16.17 -19.11 19.65
CA PRO A 4 -15.46 -19.95 18.68
C PRO A 4 -14.59 -19.14 17.70
N PHE A 5 -15.01 -17.91 17.39
CA PHE A 5 -14.28 -16.98 16.50
C PHE A 5 -14.03 -15.68 17.27
N PRO A 6 -13.10 -15.68 18.24
CA PRO A 6 -12.90 -14.52 19.12
C PRO A 6 -12.50 -13.29 18.30
N LYS A 7 -13.11 -12.13 18.56
CA LYS A 7 -12.92 -10.93 17.72
C LYS A 7 -11.82 -10.04 18.31
N ASP A 8 -11.30 -10.37 19.49
CA ASP A 8 -10.18 -9.64 20.12
C ASP A 8 -9.55 -10.53 21.21
N CYS A 9 -8.50 -10.04 21.86
CA CYS A 9 -7.72 -10.81 22.85
C CYS A 9 -8.52 -10.98 24.16
N SER A 10 -9.51 -10.12 24.41
CA SER A 10 -10.37 -10.25 25.61
C SER A 10 -11.27 -11.48 25.45
N GLN A 11 -11.82 -11.74 24.26
CA GLN A 11 -12.63 -12.96 24.00
C GLN A 11 -11.70 -14.19 24.07
N ALA A 12 -10.48 -14.10 23.55
CA ALA A 12 -9.50 -15.21 23.64
C ALA A 12 -9.26 -15.54 25.12
N MET A 13 -9.11 -14.51 25.96
CA MET A 13 -8.83 -14.72 27.41
C MET A 13 -10.06 -15.33 28.09
N LEU A 14 -11.26 -14.86 27.76
CA LEU A 14 -12.53 -15.40 28.32
C LEU A 14 -12.72 -16.85 27.88
N ASN A 15 -12.09 -17.27 26.77
CA ASN A 15 -12.11 -18.68 26.28
C ASN A 15 -11.23 -19.56 27.17
N GLY A 16 -10.37 -18.97 28.00
CA GLY A 16 -9.49 -19.67 28.96
C GLY A 16 -8.03 -19.64 28.55
N ASP A 17 -7.68 -18.84 27.53
CA ASP A 17 -6.28 -18.63 27.07
C ASP A 17 -5.66 -17.51 27.91
N THR A 18 -4.74 -17.84 28.81
CA THR A 18 -4.20 -16.91 29.84
C THR A 18 -2.72 -16.60 29.61
N THR A 19 -2.11 -17.18 28.58
CA THR A 19 -0.66 -17.07 28.26
C THR A 19 -0.49 -16.02 27.16
N SER A 20 0.43 -15.07 27.34
CA SER A 20 0.77 -14.07 26.30
C SER A 20 1.38 -14.79 25.09
N GLY A 21 1.08 -14.30 23.89
CA GLY A 21 1.62 -14.89 22.66
C GLY A 21 0.71 -14.64 21.47
N LEU A 22 0.97 -15.34 20.37
CA LEU A 22 0.19 -15.18 19.12
C LEU A 22 -1.11 -15.97 19.22
N TYR A 23 -2.21 -15.33 18.83
CA TYR A 23 -3.56 -15.91 18.73
C TYR A 23 -4.19 -15.44 17.44
N THR A 24 -5.02 -16.28 16.84
CA THR A 24 -5.86 -15.88 15.68
C THR A 24 -7.15 -15.29 16.23
N ILE A 25 -7.43 -14.05 15.85
CA ILE A 25 -8.75 -13.39 16.09
C ILE A 25 -9.45 -13.26 14.74
N TYR A 26 -10.74 -12.97 14.77
CA TYR A 26 -11.63 -12.94 13.58
C TYR A 26 -12.41 -11.64 13.63
N LEU A 27 -12.16 -10.73 12.69
CA LEU A 27 -12.83 -9.41 12.70
C LEU A 27 -14.35 -9.64 12.63
N ASN A 28 -15.07 -9.06 13.59
CA ASN A 28 -16.55 -9.17 13.75
C ASN A 28 -16.97 -10.64 13.87
N GLY A 29 -16.10 -11.49 14.41
CA GLY A 29 -16.34 -12.94 14.57
C GLY A 29 -16.57 -13.65 13.25
N ASP A 30 -16.03 -13.11 12.15
CA ASP A 30 -16.16 -13.69 10.78
C ASP A 30 -15.00 -14.66 10.51
N LYS A 31 -15.30 -15.95 10.31
CA LYS A 31 -14.31 -17.03 10.04
C LYS A 31 -13.41 -16.65 8.85
N ALA A 32 -13.93 -15.88 7.90
CA ALA A 32 -13.21 -15.48 6.66
C ALA A 32 -12.24 -14.33 6.90
N GLN A 33 -12.23 -13.72 8.10
CA GLN A 33 -11.45 -12.49 8.39
C GLN A 33 -10.47 -12.76 9.53
N ALA A 34 -9.68 -13.83 9.42
CA ALA A 34 -8.65 -14.22 10.42
C ALA A 34 -7.48 -13.22 10.38
N LEU A 35 -6.99 -12.85 11.57
CA LEU A 35 -5.83 -11.96 11.82
C LEU A 35 -5.04 -12.58 12.97
N GLU A 36 -3.76 -12.90 12.78
CA GLU A 36 -2.89 -13.43 13.87
C GLU A 36 -2.26 -12.24 14.60
N VAL A 37 -2.64 -12.04 15.85
CA VAL A 37 -2.20 -10.88 16.68
C VAL A 37 -1.41 -11.40 17.89
N PHE A 38 -0.64 -10.52 18.50
CA PHE A 38 -0.01 -10.80 19.80
C PHE A 38 -0.94 -10.31 20.91
N CYS A 39 -1.32 -11.22 21.81
CA CYS A 39 -2.14 -10.92 23.01
C CYS A 39 -1.23 -10.79 24.22
N ASP A 40 -1.29 -9.64 24.88
CA ASP A 40 -0.69 -9.44 26.22
C ASP A 40 -1.75 -9.84 27.24
N MET A 41 -1.60 -11.01 27.84
CA MET A 41 -2.60 -11.58 28.78
C MET A 41 -2.19 -11.32 30.24
N THR A 42 -1.08 -10.61 30.50
CA THR A 42 -0.59 -10.44 31.90
C THR A 42 -0.66 -8.99 32.38
N SER A 43 -0.50 -7.99 31.50
CA SER A 43 -0.51 -6.56 31.93
C SER A 43 -1.92 -6.15 32.32
N ASP A 44 -2.09 -5.58 33.52
CA ASP A 44 -3.28 -4.77 33.85
C ASP A 44 -4.55 -5.51 33.45
N GLY A 45 -4.69 -6.77 33.89
CA GLY A 45 -5.91 -7.59 33.69
C GLY A 45 -5.92 -8.40 32.39
N GLY A 46 -4.96 -8.19 31.50
CA GLY A 46 -4.83 -9.02 30.28
C GLY A 46 -5.87 -8.69 29.21
N GLY A 47 -6.01 -9.57 28.23
CA GLY A 47 -6.96 -9.41 27.11
C GLY A 47 -6.59 -8.29 26.16
N TRP A 48 -5.30 -7.91 26.07
CA TRP A 48 -4.84 -6.77 25.23
C TRP A 48 -4.35 -7.26 23.87
N ILE A 49 -4.86 -6.68 22.78
CA ILE A 49 -4.19 -6.77 21.44
C ILE A 49 -3.03 -5.78 21.45
N VAL A 50 -1.79 -6.25 21.32
CA VAL A 50 -0.63 -5.35 21.15
C VAL A 50 -0.62 -4.88 19.69
N PHE A 51 -0.50 -3.58 19.45
CA PHE A 51 -0.46 -3.06 18.06
C PHE A 51 0.83 -2.31 17.75
N LEU A 52 1.67 -2.05 18.75
CA LEU A 52 3.03 -1.50 18.55
C LEU A 52 3.93 -2.12 19.59
N ARG A 53 5.10 -2.57 19.17
CA ARG A 53 6.19 -2.93 20.12
C ARG A 53 7.51 -2.36 19.64
N ARG A 54 8.17 -1.66 20.54
CA ARG A 54 9.57 -1.18 20.42
C ARG A 54 10.35 -1.82 21.57
N LYS A 55 11.50 -2.42 21.29
CA LYS A 55 12.32 -3.04 22.37
C LYS A 55 13.81 -3.09 22.05
N ASN A 56 14.25 -2.98 20.79
CA ASN A 56 15.70 -3.15 20.49
C ASN A 56 16.18 -2.46 19.21
N GLY A 57 15.31 -1.81 18.42
CA GLY A 57 15.76 -1.09 17.22
C GLY A 57 16.03 -1.99 16.01
N ARG A 58 15.69 -3.28 16.06
CA ARG A 58 16.01 -4.19 14.93
C ARG A 58 15.08 -3.93 13.74
N GLU A 59 13.87 -3.43 13.96
CA GLU A 59 12.87 -3.21 12.89
C GLU A 59 12.88 -1.73 12.46
N ASN A 60 12.61 -1.50 11.17
CA ASN A 60 12.52 -0.16 10.56
C ASN A 60 11.10 0.39 10.75
N PHE A 61 10.98 1.53 11.44
CA PHE A 61 9.69 2.23 11.64
C PHE A 61 9.60 3.47 10.74
N TYR A 62 10.67 3.78 9.99
CA TYR A 62 10.68 4.95 9.10
C TYR A 62 10.14 4.50 7.73
N GLN A 63 8.85 4.17 7.73
CA GLN A 63 8.18 3.47 6.62
C GLN A 63 7.07 4.36 6.03
N ASN A 64 6.63 4.02 4.83
CA ASN A 64 5.70 4.86 4.02
C ASN A 64 4.24 4.59 4.41
N TRP A 65 3.34 5.34 3.81
CA TRP A 65 1.87 5.28 4.06
C TRP A 65 1.39 3.83 3.91
N LYS A 66 1.72 3.19 2.78
CA LYS A 66 1.24 1.83 2.49
C LYS A 66 1.67 0.86 3.60
N ALA A 67 2.90 0.97 4.10
CA ALA A 67 3.40 0.10 5.19
C ALA A 67 2.60 0.34 6.46
N TYR A 68 2.31 1.60 6.79
CA TYR A 68 1.55 1.92 8.02
C TYR A 68 0.09 1.48 7.87
N ALA A 69 -0.48 1.54 6.66
CA ALA A 69 -1.85 1.07 6.43
C ALA A 69 -1.93 -0.45 6.61
N ALA A 70 -0.94 -1.19 6.09
CA ALA A 70 -0.97 -2.66 6.00
C ALA A 70 -0.44 -3.35 7.27
N GLY A 71 0.45 -2.67 8.00
CA GLY A 71 1.24 -3.29 9.08
C GLY A 71 2.54 -3.88 8.56
N PHE A 72 3.50 -4.05 9.46
CA PHE A 72 4.83 -4.61 9.13
C PHE A 72 5.45 -5.18 10.40
N GLY A 73 6.35 -6.13 10.21
CA GLY A 73 7.16 -6.69 11.29
C GLY A 73 6.67 -8.06 11.75
N ASP A 74 7.54 -8.73 12.48
CA ASP A 74 7.24 -9.99 13.22
C ASP A 74 6.48 -9.61 14.49
N ARG A 75 5.24 -10.09 14.65
CA ARG A 75 4.38 -9.69 15.79
C ARG A 75 4.89 -10.30 17.10
N ARG A 76 5.88 -11.20 17.06
CA ARG A 76 6.58 -11.71 18.27
C ARG A 76 7.66 -10.71 18.72
N GLU A 77 8.05 -9.78 17.85
CA GLU A 77 9.23 -8.91 18.05
C GLU A 77 8.75 -7.45 17.86
N GLU A 78 9.55 -6.59 17.26
CA GLU A 78 9.09 -5.20 16.98
C GLU A 78 8.16 -5.21 15.77
N PHE A 79 7.05 -4.51 15.87
CA PHE A 79 6.07 -4.49 14.76
C PHE A 79 5.09 -3.33 14.93
N TRP A 80 4.35 -3.11 13.86
CA TRP A 80 3.19 -2.19 13.79
C TRP A 80 2.02 -2.99 13.18
N LEU A 81 0.87 -3.04 13.86
CA LEU A 81 -0.25 -3.93 13.45
C LEU A 81 -0.86 -3.48 12.12
N GLY A 82 -0.88 -2.18 11.83
CA GLY A 82 -1.52 -1.65 10.63
C GLY A 82 -2.76 -0.83 10.93
N LEU A 83 -2.93 0.29 10.24
CA LEU A 83 -4.05 1.22 10.51
C LEU A 83 -5.39 0.65 10.02
N ASP A 84 -5.40 -0.11 8.93
CA ASP A 84 -6.67 -0.74 8.48
C ASP A 84 -7.16 -1.70 9.57
N ASN A 85 -6.26 -2.51 10.13
CA ASN A 85 -6.60 -3.44 11.24
C ASN A 85 -7.10 -2.63 12.44
N LEU A 86 -6.43 -1.55 12.81
CA LEU A 86 -6.87 -0.74 13.98
C LEU A 86 -8.26 -0.16 13.73
N ASN A 87 -8.52 0.35 12.52
CA ASN A 87 -9.85 0.87 12.16
C ASN A 87 -10.90 -0.23 12.38
N LYS A 88 -10.67 -1.42 11.83
CA LYS A 88 -11.67 -2.52 11.86
C LYS A 88 -11.86 -3.02 13.29
N ILE A 89 -10.79 -3.13 14.08
CA ILE A 89 -10.89 -3.61 15.48
C ILE A 89 -11.66 -2.57 16.30
N THR A 90 -11.29 -1.29 16.22
CA THR A 90 -11.89 -0.25 17.08
C THR A 90 -13.35 -0.01 16.67
N ALA A 91 -13.75 -0.39 15.46
CA ALA A 91 -15.15 -0.27 14.98
C ALA A 91 -16.05 -1.36 15.59
N GLN A 92 -15.48 -2.40 16.21
CA GLN A 92 -16.21 -3.58 16.75
C GLN A 92 -16.95 -3.25 18.05
N GLY A 93 -16.55 -2.17 18.73
CA GLY A 93 -17.14 -1.78 20.02
C GLY A 93 -16.39 -0.61 20.61
N GLN A 94 -16.43 -0.47 21.94
CA GLN A 94 -15.80 0.67 22.66
C GLN A 94 -14.49 0.15 23.26
N TYR A 95 -13.37 0.57 22.68
CA TYR A 95 -12.03 0.10 23.10
C TYR A 95 -11.33 1.18 23.94
N GLU A 96 -10.53 0.70 24.89
CA GLU A 96 -9.54 1.50 25.64
C GLU A 96 -8.14 1.20 25.12
N LEU A 97 -7.28 2.19 25.27
CA LEU A 97 -5.84 2.13 24.92
C LEU A 97 -5.00 2.04 26.19
N ARG A 98 -3.99 1.17 26.19
CA ARG A 98 -2.95 1.17 27.24
C ARG A 98 -1.60 1.33 26.55
N VAL A 99 -0.74 2.15 27.15
CA VAL A 99 0.67 2.32 26.72
C VAL A 99 1.55 1.90 27.89
N ASP A 100 2.43 0.94 27.66
CA ASP A 100 3.44 0.49 28.65
C ASP A 100 4.80 0.99 28.19
N LEU A 101 5.53 1.67 29.07
CA LEU A 101 6.87 2.23 28.79
C LEU A 101 7.85 1.70 29.83
N ARG A 102 9.04 1.30 29.38
CA ARG A 102 10.14 0.89 30.29
C ARG A 102 11.45 1.49 29.76
N ASP A 103 12.28 1.97 30.67
CA ASP A 103 13.58 2.58 30.31
C ASP A 103 14.52 2.45 31.50
N HIS A 104 15.62 1.72 31.32
CA HIS A 104 16.69 1.61 32.35
C HIS A 104 16.08 1.30 33.72
N GLY A 105 15.21 0.28 33.79
CA GLY A 105 14.66 -0.23 35.05
C GLY A 105 13.56 0.65 35.64
N GLU A 106 13.17 1.73 34.95
CA GLU A 106 11.99 2.57 35.32
C GLU A 106 10.81 2.17 34.43
N THR A 107 9.60 2.21 34.98
CA THR A 107 8.37 1.88 34.22
C THR A 107 7.35 2.99 34.42
N ALA A 108 6.53 3.20 33.40
CA ALA A 108 5.35 4.08 33.48
C ALA A 108 4.29 3.55 32.54
N PHE A 109 3.08 4.06 32.65
CA PHE A 109 1.99 3.63 31.75
C PHE A 109 0.98 4.76 31.60
N ALA A 110 0.21 4.68 30.54
CA ALA A 110 -0.94 5.57 30.32
C ALA A 110 -2.11 4.70 29.89
N VAL A 111 -3.30 5.06 30.35
CA VAL A 111 -4.55 4.44 29.87
C VAL A 111 -5.42 5.57 29.31
N TYR A 112 -6.08 5.30 28.20
CA TYR A 112 -7.11 6.20 27.62
C TYR A 112 -8.40 5.40 27.48
N ASP A 113 -9.45 5.85 28.13
CA ASP A 113 -10.71 5.09 28.23
C ASP A 113 -11.36 4.91 26.86
N LYS A 114 -11.16 5.85 25.94
CA LYS A 114 -11.76 5.82 24.58
C LYS A 114 -10.64 5.92 23.55
N PHE A 115 -10.56 4.94 22.66
CA PHE A 115 -9.56 4.88 21.59
C PHE A 115 -10.21 4.33 20.34
N SER A 116 -10.16 5.11 19.26
CA SER A 116 -10.66 4.64 17.95
C SER A 116 -9.81 5.23 16.83
N VAL A 117 -9.79 4.53 15.70
CA VAL A 117 -9.07 4.93 14.48
C VAL A 117 -10.07 4.91 13.32
N GLY A 118 -10.19 6.03 12.62
CA GLY A 118 -11.09 6.18 11.46
C GLY A 118 -10.62 5.39 10.26
N ASP A 119 -11.41 5.36 9.20
CA ASP A 119 -11.06 4.59 7.98
C ASP A 119 -10.09 5.41 7.12
N ALA A 120 -9.64 4.83 6.01
CA ALA A 120 -8.63 5.44 5.11
C ALA A 120 -9.12 6.81 4.62
N LYS A 121 -10.43 6.96 4.33
CA LYS A 121 -11.03 8.21 3.84
C LYS A 121 -10.77 9.36 4.82
N THR A 122 -10.73 9.06 6.12
CA THR A 122 -10.46 10.04 7.21
C THR A 122 -8.94 10.17 7.44
N ARG A 123 -8.12 9.49 6.64
CA ARG A 123 -6.66 9.34 6.88
C ARG A 123 -6.47 8.80 8.30
N TYR A 124 -7.30 7.82 8.68
CA TYR A 124 -7.16 7.05 9.94
C TYR A 124 -7.20 8.02 11.13
N LYS A 125 -8.19 8.90 11.15
CA LYS A 125 -8.34 9.95 12.19
C LYS A 125 -8.34 9.31 13.59
N LEU A 126 -7.54 9.87 14.47
CA LEU A 126 -7.39 9.36 15.86
C LEU A 126 -8.44 9.98 16.78
N LYS A 127 -9.09 9.13 17.55
CA LYS A 127 -9.85 9.55 18.76
C LYS A 127 -9.14 8.93 19.96
N VAL A 128 -8.71 9.77 20.90
CA VAL A 128 -8.05 9.26 22.13
C VAL A 128 -8.43 10.21 23.26
N GLU A 129 -9.17 9.67 24.24
CA GLU A 129 -9.77 10.50 25.32
C GLU A 129 -9.77 9.73 26.64
N GLY A 130 -9.74 10.48 27.74
CA GLY A 130 -9.92 9.92 29.08
C GLY A 130 -8.63 9.33 29.64
N TYR A 131 -7.64 10.19 29.86
CA TYR A 131 -6.30 9.81 30.38
C TYR A 131 -6.34 9.44 31.86
N SER A 132 -5.59 8.41 32.21
CA SER A 132 -5.14 8.17 33.60
C SER A 132 -3.77 7.48 33.56
N GLY A 133 -3.07 7.46 34.69
CA GLY A 133 -1.83 6.70 34.81
C GLY A 133 -0.66 7.53 35.29
N THR A 134 0.55 7.17 34.89
CA THR A 134 1.81 7.72 35.45
C THR A 134 2.72 8.31 34.38
N ALA A 135 2.55 7.99 33.09
CA ALA A 135 3.45 8.44 32.01
C ALA A 135 3.19 9.91 31.65
N GLY A 136 2.03 10.45 32.02
CA GLY A 136 1.63 11.81 31.63
C GLY A 136 0.79 11.80 30.36
N ASP A 137 -0.08 12.79 30.23
CA ASP A 137 -1.12 12.80 29.17
C ASP A 137 -0.54 13.40 27.89
N SER A 138 0.29 12.64 27.18
CA SER A 138 0.96 13.11 25.95
C SER A 138 0.11 12.84 24.70
N MET A 139 -0.87 11.94 24.77
CA MET A 139 -1.73 11.67 23.57
C MET A 139 -2.80 12.76 23.40
N ALA A 140 -3.17 13.52 24.43
CA ALA A 140 -4.25 14.52 24.30
C ALA A 140 -3.96 15.45 23.13
N TYR A 141 -2.70 15.86 22.97
CA TYR A 141 -2.23 16.77 21.90
C TYR A 141 -2.60 16.21 20.51
N HIS A 142 -2.64 14.88 20.40
CA HIS A 142 -2.80 14.16 19.10
C HIS A 142 -4.27 13.86 18.81
N ASN A 143 -5.16 14.01 19.78
CA ASN A 143 -6.59 13.69 19.60
C ASN A 143 -7.13 14.50 18.41
N GLY A 144 -7.82 13.82 17.50
CA GLY A 144 -8.45 14.46 16.32
C GLY A 144 -7.54 14.51 15.10
N ARG A 145 -6.28 14.11 15.20
CA ARG A 145 -5.34 14.25 14.05
C ARG A 145 -5.47 13.07 13.08
N SER A 146 -5.28 13.35 11.81
CA SER A 146 -5.06 12.30 10.79
C SER A 146 -3.64 11.75 10.93
N PHE A 147 -3.42 10.57 10.37
CA PHE A 147 -2.08 9.95 10.32
C PHE A 147 -1.25 10.62 9.22
N SER A 148 0.06 10.67 9.40
CA SER A 148 1.01 11.15 8.38
C SER A 148 2.30 10.33 8.41
N THR A 149 2.84 10.12 7.21
CA THR A 149 4.13 9.45 6.94
C THR A 149 4.99 10.40 6.12
N PHE A 150 6.27 10.09 5.93
CA PHE A 150 7.20 11.00 5.23
C PHE A 150 6.70 11.28 3.81
N ASP A 151 5.96 10.34 3.21
CA ASP A 151 5.50 10.42 1.80
C ASP A 151 4.05 10.90 1.71
N LYS A 152 3.36 11.12 2.82
CA LYS A 152 1.98 11.70 2.80
C LYS A 152 1.82 12.66 3.98
N ASP A 153 2.12 13.94 3.72
CA ASP A 153 1.99 15.09 4.65
C ASP A 153 0.54 15.57 4.65
N THR A 154 0.19 16.48 5.55
CA THR A 154 -1.17 17.09 5.63
C THR A 154 -1.12 18.51 5.09
N ASP A 155 -2.30 19.07 4.77
CA ASP A 155 -2.45 20.46 4.25
C ASP A 155 -2.37 21.46 5.42
N SER A 156 -2.25 21.00 6.67
CA SER A 156 -2.21 21.86 7.89
C SER A 156 -0.80 21.89 8.51
N ALA A 157 0.08 20.94 8.18
CA ALA A 157 1.44 20.84 8.76
C ALA A 157 2.29 22.03 8.33
N ILE A 158 3.04 22.62 9.27
CA ILE A 158 4.04 23.71 9.09
C ILE A 158 5.32 23.13 8.47
N THR A 159 5.75 21.97 8.98
CA THR A 159 6.89 21.19 8.44
C THR A 159 6.38 19.77 8.21
N ASN A 160 7.10 18.99 7.42
CA ASN A 160 6.81 17.55 7.26
C ASN A 160 7.28 16.85 8.55
N CYS A 161 6.35 16.58 9.46
CA CYS A 161 6.67 16.07 10.82
C CYS A 161 7.36 14.71 10.70
N ALA A 162 6.83 13.81 9.87
CA ALA A 162 7.37 12.44 9.72
C ALA A 162 8.80 12.51 9.20
N LEU A 163 9.04 13.39 8.23
CA LEU A 163 10.41 13.56 7.65
C LEU A 163 11.34 14.11 8.75
N SER A 164 10.94 15.18 9.42
CA SER A 164 11.76 15.92 10.40
C SER A 164 12.09 15.03 11.60
N TYR A 165 11.10 14.26 12.07
CA TYR A 165 11.17 13.56 13.38
C TYR A 165 11.20 12.04 13.18
N LYS A 166 11.59 11.61 11.98
CA LYS A 166 12.15 10.26 11.71
C LYS A 166 11.14 9.17 12.13
N GLY A 167 9.88 9.35 11.78
CA GLY A 167 8.84 8.38 12.17
C GLY A 167 7.57 8.54 11.39
N ALA A 168 6.48 8.11 12.01
CA ALA A 168 5.11 8.18 11.47
C ALA A 168 4.19 8.29 12.66
N PHE A 169 3.14 9.09 12.59
CA PHE A 169 2.20 9.26 13.72
C PHE A 169 1.01 10.09 13.26
N TRP A 170 0.06 10.21 14.17
CA TRP A 170 -1.03 11.20 14.09
C TRP A 170 -0.47 12.57 14.48
N TYR A 171 0.46 13.09 13.69
CA TYR A 171 1.21 14.32 14.02
C TYR A 171 0.29 15.54 13.95
N ARG A 172 0.62 16.56 14.75
CA ARG A 172 0.06 17.91 14.63
C ARG A 172 1.20 18.84 14.21
N ASN A 173 1.88 19.48 15.15
CA ASN A 173 2.99 20.41 14.83
C ASN A 173 4.04 20.43 15.95
N CYS A 174 4.69 19.29 16.23
CA CYS A 174 4.52 18.00 15.57
C CYS A 174 4.03 16.93 16.56
N HIS A 175 4.66 16.79 17.72
CA HIS A 175 4.27 15.67 18.62
C HIS A 175 4.59 15.92 20.08
N ARG A 176 3.85 15.22 20.92
CA ARG A 176 4.23 14.91 22.32
C ARG A 176 4.38 13.40 22.49
N VAL A 177 3.99 12.61 21.49
CA VAL A 177 4.23 11.15 21.43
C VAL A 177 4.88 10.84 20.07
N ASN A 178 5.97 10.08 20.07
CA ASN A 178 6.67 9.68 18.83
C ASN A 178 7.11 8.23 18.96
N LEU A 179 6.20 7.33 19.33
CA LEU A 179 6.61 5.94 19.68
C LEU A 179 7.01 5.15 18.44
N MET A 180 6.77 5.68 17.23
CA MET A 180 7.27 5.04 15.99
C MET A 180 8.44 5.86 15.45
N GLY A 181 9.13 6.59 16.32
CA GLY A 181 10.34 7.36 15.99
C GLY A 181 11.58 6.48 15.90
N ARG A 182 12.74 7.10 15.75
CA ARG A 182 13.97 6.34 15.41
C ARG A 182 14.58 5.77 16.70
N TYR A 183 14.88 4.48 16.70
CA TYR A 183 15.37 3.80 17.93
C TYR A 183 16.71 4.40 18.35
N GLY A 184 16.86 4.63 19.66
CA GLY A 184 18.12 5.09 20.27
C GLY A 184 18.46 6.53 19.90
N ASP A 185 17.51 7.27 19.31
CA ASP A 185 17.78 8.63 18.77
C ASP A 185 17.44 9.68 19.85
N ASN A 186 18.42 10.16 20.60
CA ASN A 186 18.19 11.18 21.66
C ASN A 186 18.22 12.60 21.08
N ASN A 187 18.39 12.77 19.77
CA ASN A 187 18.28 14.09 19.11
C ASN A 187 16.86 14.61 19.31
N HIS A 188 16.73 15.91 19.58
CA HIS A 188 15.44 16.53 19.99
C HIS A 188 14.30 16.07 19.07
N SER A 189 13.30 15.39 19.64
CA SER A 189 12.02 15.06 18.98
C SER A 189 12.16 13.94 17.94
N GLU A 190 13.33 13.30 17.79
CA GLU A 190 13.55 12.32 16.70
C GLU A 190 13.37 10.86 17.17
N GLY A 191 13.33 10.63 18.48
CA GLY A 191 13.40 9.28 19.06
C GLY A 191 12.06 8.73 19.47
N VAL A 192 12.12 7.65 20.25
CA VAL A 192 10.94 6.93 20.77
C VAL A 192 10.47 7.74 21.99
N ASN A 193 9.69 8.79 21.72
CA ASN A 193 9.44 9.86 22.72
C ASN A 193 8.06 9.73 23.34
N TRP A 194 7.98 9.97 24.64
CA TRP A 194 6.73 10.26 25.38
C TRP A 194 7.00 11.51 26.21
N PHE A 195 6.60 12.67 25.70
CA PHE A 195 7.11 13.96 26.22
C PHE A 195 6.91 14.07 27.74
N HIS A 196 5.72 13.73 28.23
CA HIS A 196 5.38 14.00 29.65
C HIS A 196 6.01 12.97 30.59
N TRP A 197 6.74 11.99 30.07
CA TRP A 197 7.54 11.06 30.92
C TRP A 197 9.03 11.43 30.84
N LYS A 198 9.61 11.50 29.65
CA LYS A 198 11.08 11.65 29.49
C LYS A 198 11.47 12.81 28.56
N GLY A 199 10.52 13.59 28.08
CA GLY A 199 10.82 14.77 27.24
C GLY A 199 11.19 14.41 25.82
N HIS A 200 11.75 15.37 25.09
CA HIS A 200 12.02 15.26 23.63
C HIS A 200 13.46 14.81 23.35
N GLU A 201 14.33 14.75 24.37
CA GLU A 201 15.77 14.43 24.16
C GLU A 201 16.13 13.11 24.83
N HIS A 202 15.19 12.18 24.90
CA HIS A 202 15.36 10.86 25.55
C HIS A 202 14.53 9.84 24.77
N SER A 203 15.19 8.97 24.04
CA SER A 203 14.54 7.86 23.29
C SER A 203 14.33 6.69 24.27
N ILE A 204 13.09 6.24 24.41
CA ILE A 204 12.69 5.19 25.39
C ILE A 204 13.06 3.80 24.86
N GLN A 205 13.59 2.93 25.72
CA GLN A 205 14.09 1.59 25.34
C GLN A 205 12.93 0.67 24.94
N PHE A 206 11.82 0.72 25.65
CA PHE A 206 10.72 -0.25 25.50
C PHE A 206 9.38 0.46 25.51
N ALA A 207 8.55 0.20 24.50
CA ALA A 207 7.21 0.78 24.41
C ALA A 207 6.26 -0.23 23.76
N GLU A 208 5.09 -0.40 24.36
CA GLU A 208 3.98 -1.15 23.73
C GLU A 208 2.72 -0.30 23.79
N MET A 209 1.96 -0.32 22.70
CA MET A 209 0.60 0.23 22.66
C MET A 209 -0.34 -0.95 22.43
N LYS A 210 -1.47 -0.98 23.13
CA LYS A 210 -2.36 -2.16 23.09
C LYS A 210 -3.79 -1.72 23.37
N LEU A 211 -4.76 -2.52 22.94
CA LEU A 211 -6.19 -2.13 23.05
C LEU A 211 -7.05 -3.33 23.42
N ARG A 212 -8.16 -3.05 24.08
CA ARG A 212 -9.16 -4.06 24.46
C ARG A 212 -10.47 -3.35 24.76
N PRO A 213 -11.60 -4.06 24.82
CA PRO A 213 -12.86 -3.41 25.18
C PRO A 213 -12.82 -2.76 26.57
N SER A 214 -13.29 -1.52 26.70
CA SER A 214 -13.23 -0.79 28.00
C SER A 214 -14.11 -1.48 29.06
N ASN A 215 -15.13 -2.23 28.66
CA ASN A 215 -16.05 -2.89 29.61
C ASN A 215 -15.33 -4.05 30.34
N PHE A 216 -14.17 -4.49 29.84
CA PHE A 216 -13.39 -5.60 30.44
C PHE A 216 -12.97 -5.26 31.88
N ARG A 217 -12.86 -3.96 32.18
CA ARG A 217 -12.50 -3.42 33.53
C ARG A 217 -13.48 -3.88 34.60
N ASN A 218 -14.74 -4.13 34.23
CA ASN A 218 -15.85 -4.40 35.16
C ASN A 218 -16.11 -5.91 35.20
N SER B 1 7.07 40.52 25.09
CA SER B 1 6.35 41.05 26.28
C SER B 1 4.94 41.49 25.91
N LEU B 2 4.78 42.20 24.78
CA LEU B 2 3.43 42.55 24.24
C LEU B 2 2.65 41.26 23.94
N GLU B 3 3.31 40.27 23.35
CA GLU B 3 2.68 38.97 22.98
C GLU B 3 2.30 38.22 24.26
N ILE B 4 3.20 38.20 25.26
CA ILE B 4 2.95 37.54 26.58
C ILE B 4 1.73 38.18 27.26
N GLU B 5 1.63 39.52 27.21
CA GLU B 5 0.49 40.24 27.83
C GLU B 5 -0.81 39.84 27.12
N GLU B 6 -0.79 39.76 25.79
CA GLU B 6 -1.96 39.36 24.97
C GLU B 6 -2.38 37.92 25.35
N LEU B 7 -1.42 37.03 25.57
CA LEU B 7 -1.69 35.63 26.01
C LEU B 7 -2.36 35.66 27.41
N ALA B 8 -1.85 36.49 28.32
CA ALA B 8 -2.32 36.60 29.72
C ALA B 8 -3.73 37.18 29.75
N ARG B 9 -3.98 38.23 28.97
CA ARG B 9 -5.32 38.85 28.82
C ARG B 9 -6.28 37.83 28.20
N PHE B 10 -5.83 37.09 27.18
CA PHE B 10 -6.61 36.03 26.49
C PHE B 10 -7.02 34.96 27.52
N ALA B 11 -6.10 34.56 28.40
CA ALA B 11 -6.30 33.52 29.44
C ALA B 11 -7.39 33.97 30.43
N VAL B 12 -7.30 35.22 30.92
CA VAL B 12 -8.29 35.82 31.87
C VAL B 12 -9.66 35.87 31.16
N ASP B 13 -9.71 36.32 29.90
CA ASP B 13 -10.95 36.41 29.09
C ASP B 13 -11.58 35.03 28.94
N GLU B 14 -10.78 34.01 28.57
CA GLU B 14 -11.26 32.61 28.34
C GLU B 14 -11.74 32.01 29.66
N HIS B 15 -11.07 32.31 30.79
CA HIS B 15 -11.48 31.87 32.15
C HIS B 15 -12.83 32.51 32.50
N ASN B 16 -12.98 33.82 32.26
CA ASN B 16 -14.26 34.57 32.42
C ASN B 16 -15.24 34.09 31.35
N LEU B 23 -12.86 37.99 36.59
CA LEU B 23 -11.51 38.48 37.02
C LEU B 23 -11.09 39.65 36.12
N GLU B 24 -10.30 40.58 36.68
CA GLU B 24 -9.72 41.75 35.96
C GLU B 24 -8.20 41.60 35.91
N PHE B 25 -7.63 41.48 34.70
CA PHE B 25 -6.17 41.37 34.47
C PHE B 25 -5.48 42.62 35.02
N VAL B 26 -4.47 42.42 35.87
CA VAL B 26 -3.60 43.50 36.42
C VAL B 26 -2.27 43.45 35.67
N ARG B 27 -1.51 42.37 35.80
CA ARG B 27 -0.13 42.25 35.25
C ARG B 27 0.28 40.77 35.14
N VAL B 28 1.34 40.53 34.37
CA VAL B 28 2.05 39.22 34.25
C VAL B 28 3.17 39.21 35.30
N VAL B 29 3.16 38.21 36.19
CA VAL B 29 4.19 38.01 37.25
C VAL B 29 5.35 37.19 36.66
N LYS B 30 5.05 36.07 35.99
CA LYS B 30 6.04 35.14 35.39
C LYS B 30 5.50 34.53 34.10
N ALA B 31 6.38 34.23 33.15
CA ALA B 31 6.07 33.56 31.87
C ALA B 31 7.23 32.66 31.46
N LYS B 32 6.94 31.41 31.08
CA LYS B 32 7.90 30.42 30.53
C LYS B 32 7.19 29.63 29.43
N GLU B 33 7.90 29.34 28.35
CA GLU B 33 7.43 28.44 27.26
C GLU B 33 8.14 27.09 27.42
N GLN B 34 7.40 25.99 27.26
CA GLN B 34 7.95 24.61 27.33
C GLN B 34 7.21 23.68 26.36
N GLY B 35 7.93 22.73 25.76
CA GLY B 35 7.34 21.54 25.12
C GLY B 35 7.44 21.54 23.60
N ALA B 36 7.87 22.63 22.98
CA ALA B 36 7.94 22.73 21.50
C ALA B 36 8.93 21.69 20.96
N ASN B 37 8.57 21.05 19.86
CA ASN B 37 9.56 20.35 19.02
C ASN B 37 10.57 21.37 18.47
N MET B 38 11.74 20.90 18.07
CA MET B 38 12.87 21.78 17.65
C MET B 38 12.70 22.19 16.17
N HIS B 39 11.67 22.99 15.88
CA HIS B 39 11.55 23.68 14.57
C HIS B 39 10.89 25.05 14.74
N ALA B 40 11.17 25.95 13.81
CA ALA B 40 10.51 27.28 13.74
C ALA B 40 9.00 27.10 13.67
N TYR B 41 8.25 27.88 14.46
CA TYR B 41 6.76 27.93 14.44
C TYR B 41 6.18 26.58 14.92
N ALA B 42 6.88 25.89 15.83
CA ALA B 42 6.38 24.68 16.51
C ALA B 42 5.36 25.09 17.56
N ASP B 43 4.32 24.28 17.75
CA ASP B 43 3.30 24.52 18.80
C ASP B 43 4.01 24.55 20.17
N THR B 44 3.60 25.47 21.03
CA THR B 44 4.25 25.60 22.37
C THR B 44 3.18 25.95 23.40
N MET B 45 3.47 25.56 24.64
N MET B 45 3.43 25.57 24.65
CA MET B 45 2.66 25.84 25.85
CA MET B 45 2.54 25.88 25.80
C MET B 45 3.33 26.99 26.61
C MET B 45 3.24 26.92 26.70
N TYR B 46 2.57 28.04 26.93
CA TYR B 46 3.03 29.12 27.84
C TYR B 46 2.50 28.82 29.23
N TYR B 47 3.40 28.81 30.21
CA TYR B 47 3.10 28.76 31.67
C TYR B 47 3.15 30.19 32.19
N LEU B 48 1.99 30.78 32.47
CA LEU B 48 1.83 32.19 32.91
C LEU B 48 1.41 32.24 34.38
N THR B 49 2.14 33.02 35.19
CA THR B 49 1.72 33.51 36.53
C THR B 49 1.27 34.96 36.34
N LEU B 50 0.01 35.28 36.68
CA LEU B 50 -0.61 36.61 36.44
C LEU B 50 -1.40 37.08 37.67
N LEU B 60 -2.84 36.00 42.88
CA LEU B 60 -1.95 35.36 41.87
C LEU B 60 -2.64 34.13 41.28
N TYR B 61 -2.54 33.95 39.96
CA TYR B 61 -3.10 32.80 39.20
C TYR B 61 -2.02 32.20 38.29
N GLU B 62 -2.13 30.90 38.01
CA GLU B 62 -1.26 30.16 37.06
C GLU B 62 -2.12 29.68 35.88
N ALA B 63 -1.80 30.12 34.67
CA ALA B 63 -2.51 29.76 33.41
C ALA B 63 -1.59 28.98 32.48
N LYS B 64 -2.16 28.04 31.72
CA LYS B 64 -1.48 27.31 30.62
C LYS B 64 -2.19 27.67 29.32
N VAL B 65 -1.47 28.30 28.38
CA VAL B 65 -2.03 28.81 27.10
C VAL B 65 -1.23 28.19 25.94
N TRP B 66 -1.93 27.49 25.04
CA TRP B 66 -1.38 26.98 23.77
C TRP B 66 -1.17 28.15 22.79
N VAL B 67 -0.01 28.17 22.14
CA VAL B 67 0.18 28.93 20.88
C VAL B 67 0.42 27.86 19.80
N LYS B 68 -0.54 27.72 18.89
CA LYS B 68 -0.54 26.68 17.83
C LYS B 68 -0.42 27.37 16.47
N TRP B 69 0.15 26.64 15.52
CA TRP B 69 0.32 27.06 14.12
C TRP B 69 -0.25 25.98 13.19
N GLU B 70 -0.94 26.41 12.14
CA GLU B 70 -1.48 25.53 11.07
C GLU B 70 -1.38 26.25 9.73
N MET B 71 -1.10 25.52 8.66
CA MET B 71 -1.25 26.04 7.29
C MET B 71 -2.73 25.99 6.91
N SER B 72 -3.21 27.03 6.22
CA SER B 72 -4.56 27.10 5.60
C SER B 72 -4.41 27.71 4.21
N ARG B 73 -4.63 26.92 3.15
CA ARG B 73 -4.47 27.36 1.73
C ARG B 73 -3.06 27.95 1.55
N ARG B 74 -2.04 27.26 2.06
CA ARG B 74 -0.60 27.64 1.91
C ARG B 74 -0.26 28.92 2.69
N LEU B 75 -1.18 29.43 3.52
CA LEU B 75 -0.91 30.56 4.46
C LEU B 75 -0.69 30.00 5.86
N MET B 76 0.34 30.49 6.56
CA MET B 76 0.64 30.04 7.94
C MET B 76 -0.21 30.84 8.93
N THR B 77 -1.04 30.13 9.70
CA THR B 77 -1.98 30.73 10.68
C THR B 77 -1.52 30.41 12.10
N ASN B 78 -1.87 31.29 13.03
CA ASN B 78 -1.47 31.24 14.45
C ASN B 78 -2.74 31.41 15.28
N PHE B 79 -2.95 30.57 16.29
CA PHE B 79 -4.12 30.69 17.19
C PHE B 79 -3.75 30.23 18.61
N LYS B 80 -4.56 30.67 19.57
CA LYS B 80 -4.37 30.43 21.02
C LYS B 80 -5.50 29.54 21.56
N GLU B 81 -5.21 28.74 22.58
CA GLU B 81 -6.20 27.94 23.34
C GLU B 81 -5.84 27.98 24.83
N LEU B 82 -6.81 28.21 25.71
CA LEU B 82 -6.60 28.11 27.18
C LEU B 82 -6.63 26.63 27.57
N GLN B 83 -5.56 26.14 28.18
CA GLN B 83 -5.46 24.77 28.76
C GLN B 83 -5.85 24.84 30.25
N SER C 1 2.80 -0.01 -51.05
CA SER C 1 2.98 -1.05 -52.12
C SER C 1 4.46 -1.41 -52.27
N LEU C 2 5.32 -0.42 -52.52
CA LEU C 2 6.79 -0.57 -52.45
C LEU C 2 7.16 -1.04 -51.04
N GLU C 3 6.51 -0.49 -50.02
CA GLU C 3 6.74 -0.84 -48.59
C GLU C 3 6.27 -2.29 -48.35
N ILE C 4 5.10 -2.67 -48.88
CA ILE C 4 4.56 -4.06 -48.73
C ILE C 4 5.54 -5.05 -49.38
N GLU C 5 6.05 -4.73 -50.58
CA GLU C 5 7.02 -5.60 -51.28
C GLU C 5 8.28 -5.73 -50.41
N GLU C 6 8.75 -4.64 -49.80
CA GLU C 6 9.94 -4.65 -48.92
C GLU C 6 9.68 -5.60 -47.73
N LEU C 7 8.48 -5.58 -47.15
CA LEU C 7 8.09 -6.48 -46.03
C LEU C 7 8.19 -7.94 -46.48
N ALA C 8 7.67 -8.26 -47.68
CA ALA C 8 7.65 -9.62 -48.26
C ALA C 8 9.08 -10.09 -48.53
N ARG C 9 9.93 -9.23 -49.12
CA ARG C 9 11.35 -9.55 -49.41
C ARG C 9 12.08 -9.81 -48.08
N PHE C 10 11.82 -8.98 -47.06
CA PHE C 10 12.41 -9.12 -45.70
C PHE C 10 12.02 -10.48 -45.11
N ALA C 11 10.74 -10.87 -45.22
CA ALA C 11 10.20 -12.15 -44.70
C ALA C 11 10.96 -13.33 -45.32
N VAL C 12 11.13 -13.31 -46.65
CA VAL C 12 11.85 -14.38 -47.40
C VAL C 12 13.30 -14.45 -46.90
N ASP C 13 13.97 -13.30 -46.82
CA ASP C 13 15.38 -13.17 -46.35
C ASP C 13 15.51 -13.75 -44.94
N GLU C 14 14.62 -13.35 -44.03
CA GLU C 14 14.64 -13.78 -42.60
C GLU C 14 14.37 -15.28 -42.50
N HIS C 15 13.43 -15.81 -43.28
CA HIS C 15 13.11 -17.27 -43.38
C HIS C 15 14.39 -18.04 -43.77
N ASN C 16 15.08 -17.59 -44.81
CA ASN C 16 16.31 -18.23 -45.35
C ASN C 16 17.41 -18.22 -44.28
N LYS C 17 17.61 -17.09 -43.61
CA LYS C 17 18.60 -16.92 -42.49
C LYS C 17 18.00 -17.52 -41.21
N GLU C 24 13.61 -17.79 -53.11
CA GLU C 24 13.81 -16.56 -53.92
C GLU C 24 12.45 -15.89 -54.17
N PHE C 25 12.28 -14.64 -53.71
CA PHE C 25 11.01 -13.87 -53.77
C PHE C 25 10.61 -13.62 -55.23
N VAL C 26 9.32 -13.77 -55.54
CA VAL C 26 8.72 -13.48 -56.88
C VAL C 26 7.80 -12.27 -56.77
N ARG C 27 6.74 -12.35 -55.95
CA ARG C 27 5.67 -11.31 -55.91
C ARG C 27 4.84 -11.41 -54.60
N VAL C 28 4.16 -10.32 -54.25
CA VAL C 28 3.12 -10.26 -53.18
C VAL C 28 1.78 -10.61 -53.85
N VAL C 29 1.02 -11.53 -53.25
CA VAL C 29 -0.33 -11.97 -53.74
C VAL C 29 -1.41 -11.25 -52.93
N LYS C 30 -1.27 -11.23 -51.59
CA LYS C 30 -2.25 -10.63 -50.66
C LYS C 30 -1.50 -9.95 -49.50
N ALA C 31 -2.04 -8.85 -48.99
CA ALA C 31 -1.49 -8.11 -47.83
C ALA C 31 -2.64 -7.48 -47.03
N LYS C 32 -2.65 -7.72 -45.72
CA LYS C 32 -3.59 -7.08 -44.75
C LYS C 32 -2.82 -6.82 -43.44
N GLU C 33 -3.02 -5.66 -42.83
CA GLU C 33 -2.52 -5.34 -41.47
C GLU C 33 -3.70 -5.38 -40.50
N GLN C 34 -3.46 -5.84 -39.28
CA GLN C 34 -4.49 -5.93 -38.20
C GLN C 34 -3.82 -5.76 -36.83
N GLY C 35 -4.55 -5.22 -35.87
CA GLY C 35 -4.19 -5.25 -34.43
C GLY C 35 -3.59 -3.97 -33.90
N ALA C 36 -3.34 -2.96 -34.73
CA ALA C 36 -2.71 -1.70 -34.25
C ALA C 36 -3.66 -0.99 -33.27
N ASN C 37 -3.11 -0.40 -32.21
CA ASN C 37 -3.87 0.60 -31.41
C ASN C 37 -4.15 1.82 -32.29
N MET C 38 -5.14 2.62 -31.91
N MET C 38 -5.13 2.63 -31.89
CA MET C 38 -5.64 3.76 -32.71
CA MET C 38 -5.65 3.79 -32.66
C MET C 38 -4.76 5.01 -32.47
C MET C 38 -4.75 5.02 -32.45
N HIS C 39 -3.50 4.96 -32.88
CA HIS C 39 -2.61 6.15 -32.97
C HIS C 39 -1.66 6.04 -34.17
N ALA C 40 -1.21 7.19 -34.66
CA ALA C 40 -0.22 7.28 -35.75
C ALA C 40 1.05 6.54 -35.33
N TYR C 41 1.59 5.71 -36.22
CA TYR C 41 2.87 4.96 -36.03
C TYR C 41 2.73 3.93 -34.91
N ALA C 42 1.52 3.40 -34.68
CA ALA C 42 1.27 2.25 -33.80
C ALA C 42 1.86 0.99 -34.44
N ASP C 43 2.42 0.09 -33.62
CA ASP C 43 2.94 -1.20 -34.11
C ASP C 43 1.80 -1.98 -34.76
N THR C 44 2.08 -2.66 -35.87
CA THR C 44 1.06 -3.49 -36.56
C THR C 44 1.74 -4.73 -37.10
N MET C 45 0.94 -5.79 -37.26
N MET C 45 0.96 -5.81 -37.26
CA MET C 45 1.38 -7.05 -37.91
CA MET C 45 1.43 -7.05 -37.90
C MET C 45 0.73 -7.14 -39.29
C MET C 45 0.75 -7.20 -39.26
N TYR C 46 1.54 -7.37 -40.31
CA TYR C 46 1.07 -7.62 -41.70
C TYR C 46 0.95 -9.13 -41.89
N TYR C 47 -0.19 -9.55 -42.44
CA TYR C 47 -0.44 -10.92 -42.96
C TYR C 47 -0.22 -10.87 -44.46
N LEU C 48 0.83 -11.54 -44.94
CA LEU C 48 1.24 -11.54 -46.36
C LEU C 48 1.06 -12.96 -46.94
N THR C 49 0.49 -13.04 -48.13
CA THR C 49 0.60 -14.20 -49.05
C THR C 49 1.54 -13.80 -50.18
N LEU C 50 2.62 -14.57 -50.42
CA LEU C 50 3.69 -14.24 -51.41
C LEU C 50 4.08 -15.49 -52.21
N LEU C 60 3.18 -20.84 -53.07
CA LEU C 60 2.59 -19.75 -52.25
C LEU C 60 2.92 -19.98 -50.78
N TYR C 61 3.33 -18.91 -50.07
CA TYR C 61 3.68 -18.91 -48.62
C TYR C 61 2.89 -17.81 -47.90
N GLU C 62 2.56 -18.05 -46.63
CA GLU C 62 1.94 -17.07 -45.72
C GLU C 62 2.98 -16.60 -44.69
N ALA C 63 3.18 -15.29 -44.57
CA ALA C 63 4.12 -14.67 -43.60
C ALA C 63 3.36 -13.73 -42.66
N LYS C 64 3.83 -13.63 -41.42
CA LYS C 64 3.39 -12.61 -40.43
C LYS C 64 4.60 -11.75 -40.11
N VAL C 65 4.55 -10.46 -40.46
CA VAL C 65 5.69 -9.51 -40.31
C VAL C 65 5.24 -8.33 -39.46
N TRP C 66 5.95 -8.08 -38.36
CA TRP C 66 5.79 -6.90 -37.49
C TRP C 66 6.41 -5.68 -38.19
N VAL C 67 5.68 -4.58 -38.18
CA VAL C 67 6.24 -3.23 -38.43
C VAL C 67 6.13 -2.48 -37.09
N LYS C 68 7.29 -2.25 -36.46
CA LYS C 68 7.37 -1.66 -35.11
C LYS C 68 8.06 -0.30 -35.18
N TRP C 69 7.72 0.56 -34.21
CA TRP C 69 8.29 1.92 -34.06
C TRP C 69 8.77 2.08 -32.62
N GLU C 70 9.96 2.67 -32.45
CA GLU C 70 10.54 2.99 -31.13
C GLU C 70 11.29 4.32 -31.27
N MET C 71 11.28 5.12 -30.22
CA MET C 71 12.21 6.28 -30.11
C MET C 71 13.58 5.72 -29.70
N SER C 72 14.64 6.23 -30.33
CA SER C 72 16.05 5.94 -30.02
C SER C 72 16.86 7.23 -30.18
N ARG C 73 17.51 7.68 -29.10
CA ARG C 73 18.23 8.98 -29.08
C ARG C 73 17.29 10.09 -29.59
N ARG C 74 16.02 10.05 -29.18
CA ARG C 74 14.98 11.08 -29.47
C ARG C 74 14.60 11.11 -30.96
N LEU C 75 14.98 10.09 -31.74
CA LEU C 75 14.59 9.93 -33.18
C LEU C 75 13.57 8.80 -33.30
N MET C 76 12.53 8.97 -34.12
CA MET C 76 11.54 7.89 -34.35
C MET C 76 12.14 6.87 -35.32
N THR C 77 12.23 5.62 -34.89
CA THR C 77 12.90 4.53 -35.64
C THR C 77 11.87 3.46 -35.99
N ASN C 78 12.02 2.86 -37.17
CA ASN C 78 11.11 1.85 -37.72
C ASN C 78 11.92 0.57 -37.96
N PHE C 79 11.42 -0.58 -37.51
CA PHE C 79 12.08 -1.89 -37.74
C PHE C 79 11.03 -2.98 -37.95
N LYS C 80 11.46 -4.07 -38.57
CA LYS C 80 10.59 -5.21 -38.93
C LYS C 80 11.07 -6.46 -38.17
N GLU C 81 10.16 -7.39 -37.91
CA GLU C 81 10.46 -8.72 -37.32
C GLU C 81 9.58 -9.77 -38.01
N LEU C 82 10.17 -10.90 -38.39
CA LEU C 82 9.41 -12.07 -38.90
C LEU C 82 8.82 -12.83 -37.71
N GLN C 83 7.49 -12.87 -37.61
CA GLN C 83 6.76 -13.61 -36.55
C GLN C 83 6.59 -15.08 -36.97
N GLU C 84 6.20 -15.31 -38.24
CA GLU C 84 5.86 -16.65 -38.78
C GLU C 84 6.06 -16.65 -40.30
N PHE C 85 6.41 -17.81 -40.86
CA PHE C 85 6.56 -18.06 -42.32
C PHE C 85 6.25 -19.53 -42.58
N LYS C 86 5.22 -19.82 -43.40
CA LYS C 86 4.73 -21.20 -43.68
C LYS C 86 4.25 -21.32 -45.13
N PRO C 87 4.32 -22.51 -45.74
CA PRO C 87 3.88 -22.69 -47.12
C PRO C 87 2.35 -22.67 -47.31
N LEU D 2 3.33 -28.03 7.78
CA LEU D 2 4.41 -28.45 6.82
C LEU D 2 5.28 -27.24 6.45
N TYR D 3 4.64 -26.10 6.15
CA TYR D 3 5.30 -24.80 5.89
C TYR D 3 4.80 -23.79 6.92
N PRO D 4 5.48 -23.65 8.09
CA PRO D 4 5.03 -22.74 9.14
C PRO D 4 4.89 -21.28 8.66
N PHE D 5 5.70 -20.88 7.68
CA PHE D 5 5.70 -19.53 7.07
C PHE D 5 5.56 -19.68 5.56
N PRO D 6 4.37 -20.06 5.05
CA PRO D 6 4.19 -20.36 3.64
C PRO D 6 4.52 -19.13 2.79
N LYS D 7 5.27 -19.32 1.70
CA LYS D 7 5.82 -18.19 0.90
C LYS D 7 4.95 -17.91 -0.33
N ASP D 8 3.92 -18.71 -0.57
CA ASP D 8 2.93 -18.45 -1.65
C ASP D 8 1.68 -19.27 -1.37
N CYS D 9 0.66 -19.12 -2.22
CA CYS D 9 -0.66 -19.78 -2.01
C CYS D 9 -0.52 -21.30 -2.23
N SER D 10 0.51 -21.75 -2.93
CA SER D 10 0.75 -23.20 -3.16
C SER D 10 1.16 -23.85 -1.84
N GLN D 11 2.04 -23.19 -1.06
CA GLN D 11 2.49 -23.71 0.26
C GLN D 11 1.34 -23.64 1.27
N ALA D 12 0.52 -22.60 1.22
CA ALA D 12 -0.69 -22.49 2.07
C ALA D 12 -1.60 -23.69 1.79
N MET D 13 -1.75 -24.04 0.51
CA MET D 13 -2.65 -25.14 0.08
C MET D 13 -2.07 -26.49 0.54
N LEU D 14 -0.76 -26.68 0.41
CA LEU D 14 -0.06 -27.91 0.87
C LEU D 14 -0.19 -28.04 2.40
N ASN D 15 -0.31 -26.92 3.11
CA ASN D 15 -0.54 -26.90 4.59
C ASN D 15 -1.95 -27.44 4.92
N GLY D 16 -2.85 -27.54 3.93
CA GLY D 16 -4.19 -28.13 4.08
C GLY D 16 -5.31 -27.12 3.81
N ASP D 17 -4.97 -25.86 3.54
CA ASP D 17 -5.95 -24.75 3.31
C ASP D 17 -6.39 -24.75 1.84
N THR D 18 -7.62 -25.18 1.55
CA THR D 18 -8.13 -25.36 0.16
C THR D 18 -9.32 -24.42 -0.11
N THR D 19 -9.64 -23.51 0.81
CA THR D 19 -10.71 -22.49 0.65
C THR D 19 -10.10 -21.24 0.01
N SER D 20 -10.63 -20.79 -1.13
CA SER D 20 -10.27 -19.49 -1.74
C SER D 20 -10.56 -18.36 -0.74
N GLY D 21 -9.68 -17.36 -0.66
CA GLY D 21 -9.92 -16.19 0.20
C GLY D 21 -8.63 -15.58 0.73
N LEU D 22 -8.70 -15.01 1.93
CA LEU D 22 -7.66 -14.13 2.50
C LEU D 22 -6.64 -14.98 3.24
N TYR D 23 -5.38 -14.82 2.87
CA TYR D 23 -4.24 -15.55 3.48
C TYR D 23 -3.10 -14.57 3.70
N THR D 24 -2.24 -14.91 4.65
CA THR D 24 -0.95 -14.22 4.87
C THR D 24 0.16 -15.18 4.42
N ILE D 25 0.98 -14.72 3.49
CA ILE D 25 2.21 -15.45 3.09
C ILE D 25 3.40 -14.67 3.66
N TYR D 26 4.56 -15.32 3.66
CA TYR D 26 5.79 -14.78 4.28
C TYR D 26 6.87 -14.87 3.21
N LEU D 27 7.27 -13.71 2.67
CA LEU D 27 8.24 -13.69 1.55
C LEU D 27 9.53 -14.39 1.99
N ASN D 28 9.99 -15.33 1.17
CA ASN D 28 11.19 -16.18 1.42
C ASN D 28 11.04 -16.96 2.73
N GLY D 29 9.81 -17.23 3.17
CA GLY D 29 9.52 -17.94 4.42
C GLY D 29 10.01 -17.18 5.65
N ASP D 30 10.18 -15.85 5.53
CA ASP D 30 10.69 -14.97 6.63
C ASP D 30 9.49 -14.48 7.44
N LYS D 31 9.43 -14.89 8.71
CA LYS D 31 8.33 -14.58 9.66
C LYS D 31 8.14 -13.05 9.81
N ALA D 32 9.15 -12.24 9.49
CA ALA D 32 9.12 -10.76 9.58
C ALA D 32 8.65 -10.10 8.26
N GLN D 33 8.36 -10.88 7.23
CA GLN D 33 8.01 -10.34 5.88
C GLN D 33 6.64 -10.84 5.44
N ALA D 34 5.64 -10.70 6.31
CA ALA D 34 4.23 -11.04 6.02
C ALA D 34 3.69 -10.17 4.87
N LEU D 35 2.91 -10.79 3.99
CA LEU D 35 2.16 -10.10 2.91
C LEU D 35 0.75 -10.66 2.85
N GLU D 36 -0.25 -9.79 2.91
CA GLU D 36 -1.67 -10.15 2.77
C GLU D 36 -1.95 -10.43 1.30
N VAL D 37 -2.50 -11.61 1.01
CA VAL D 37 -2.85 -11.98 -0.39
C VAL D 37 -4.27 -12.57 -0.42
N PHE D 38 -4.78 -12.69 -1.65
CA PHE D 38 -5.99 -13.47 -1.97
C PHE D 38 -5.53 -14.70 -2.75
N CYS D 39 -5.84 -15.88 -2.24
CA CYS D 39 -5.53 -17.17 -2.90
C CYS D 39 -6.77 -17.66 -3.65
N ASP D 40 -6.62 -17.92 -4.96
CA ASP D 40 -7.58 -18.72 -5.77
C ASP D 40 -7.16 -20.19 -5.64
N MET D 41 -7.90 -20.98 -4.86
CA MET D 41 -7.55 -22.38 -4.52
C MET D 41 -8.34 -23.35 -5.39
N THR D 42 -9.12 -22.88 -6.37
CA THR D 42 -10.04 -23.74 -7.18
C THR D 42 -9.66 -23.78 -8.66
N SER D 43 -9.10 -22.72 -9.25
CA SER D 43 -8.79 -22.72 -10.71
C SER D 43 -7.66 -23.72 -10.99
N ASP D 44 -7.96 -24.83 -11.66
CA ASP D 44 -6.98 -25.85 -12.15
C ASP D 44 -6.00 -26.25 -11.04
N GLY D 45 -6.51 -26.73 -9.91
CA GLY D 45 -5.67 -27.28 -8.82
C GLY D 45 -5.19 -26.22 -7.85
N GLY D 46 -5.54 -24.94 -8.07
CA GLY D 46 -5.39 -23.88 -7.06
C GLY D 46 -3.96 -23.45 -6.82
N GLY D 47 -3.71 -22.92 -5.63
CA GLY D 47 -2.39 -22.43 -5.22
C GLY D 47 -2.01 -21.11 -5.88
N TRP D 48 -2.99 -20.34 -6.37
CA TRP D 48 -2.76 -19.08 -7.12
C TRP D 48 -2.83 -17.87 -6.19
N ILE D 49 -1.80 -17.03 -6.22
CA ILE D 49 -1.89 -15.63 -5.69
C ILE D 49 -2.57 -14.80 -6.78
N VAL D 50 -3.72 -14.20 -6.46
CA VAL D 50 -4.38 -13.25 -7.40
C VAL D 50 -3.66 -11.90 -7.25
N PHE D 51 -3.22 -11.29 -8.35
CA PHE D 51 -2.53 -9.98 -8.26
C PHE D 51 -3.28 -8.88 -9.00
N LEU D 52 -4.29 -9.23 -9.80
CA LEU D 52 -5.21 -8.25 -10.42
C LEU D 52 -6.61 -8.82 -10.39
N ARG D 53 -7.57 -8.02 -9.96
CA ARG D 53 -9.00 -8.36 -10.16
C ARG D 53 -9.74 -7.14 -10.70
N ARG D 54 -10.44 -7.34 -11.81
CA ARG D 54 -11.45 -6.43 -12.37
C ARG D 54 -12.78 -7.15 -12.38
N LYS D 55 -13.85 -6.50 -11.94
CA LYS D 55 -15.19 -7.16 -11.92
C LYS D 55 -16.36 -6.18 -11.94
N ASN D 56 -16.18 -4.89 -11.61
CA ASN D 56 -17.36 -4.01 -11.51
C ASN D 56 -17.07 -2.51 -11.68
N GLY D 57 -15.83 -2.08 -11.88
CA GLY D 57 -15.52 -0.65 -12.13
C GLY D 57 -15.56 0.22 -10.89
N ARG D 58 -15.65 -0.34 -9.69
CA ARG D 58 -15.76 0.48 -8.46
C ARG D 58 -14.38 1.02 -8.03
N GLU D 59 -13.29 0.43 -8.50
CA GLU D 59 -11.92 0.90 -8.18
C GLU D 59 -11.33 1.61 -9.40
N ASN D 60 -10.65 2.73 -9.18
CA ASN D 60 -9.99 3.53 -10.24
C ASN D 60 -8.62 2.92 -10.49
N PHE D 61 -8.34 2.48 -11.72
CA PHE D 61 -7.02 1.91 -12.08
C PHE D 61 -6.12 2.94 -12.77
N TYR D 62 -6.59 4.17 -12.96
CA TYR D 62 -5.76 5.23 -13.57
C TYR D 62 -4.94 5.85 -12.46
N GLN D 63 -3.89 5.15 -12.05
CA GLN D 63 -3.04 5.52 -10.90
C GLN D 63 -1.60 5.71 -11.35
N ASN D 64 -0.82 6.34 -10.48
CA ASN D 64 0.54 6.79 -10.80
C ASN D 64 1.56 5.68 -10.52
N TRP D 65 2.81 5.96 -10.85
CA TRP D 65 3.95 5.03 -10.69
C TRP D 65 4.02 4.50 -9.25
N LYS D 66 3.99 5.39 -8.26
CA LYS D 66 4.15 4.99 -6.84
C LYS D 66 3.02 4.02 -6.47
N ALA D 67 1.80 4.26 -6.97
CA ALA D 67 0.63 3.42 -6.66
C ALA D 67 0.79 2.03 -7.30
N TYR D 68 1.27 1.96 -8.54
CA TYR D 68 1.47 0.65 -9.21
C TYR D 68 2.64 -0.10 -8.54
N ALA D 69 3.63 0.61 -8.03
CA ALA D 69 4.77 -0.01 -7.33
C ALA D 69 4.28 -0.63 -6.01
N ALA D 70 3.41 0.07 -5.27
CA ALA D 70 3.02 -0.29 -3.90
C ALA D 70 1.78 -1.18 -3.86
N GLY D 71 0.92 -1.10 -4.88
CA GLY D 71 -0.38 -1.77 -4.88
C GLY D 71 -1.48 -0.86 -4.37
N PHE D 72 -2.71 -1.15 -4.76
CA PHE D 72 -3.89 -0.35 -4.34
C PHE D 72 -5.14 -1.23 -4.46
N GLY D 73 -6.20 -0.80 -3.79
CA GLY D 73 -7.48 -1.53 -3.80
C GLY D 73 -7.51 -2.58 -2.71
N ASP D 74 -8.70 -3.11 -2.47
CA ASP D 74 -9.00 -4.14 -1.45
C ASP D 74 -8.90 -5.52 -2.10
N ARG D 75 -8.05 -6.39 -1.56
CA ARG D 75 -7.82 -7.77 -2.07
C ARG D 75 -9.14 -8.55 -2.09
N ARG D 76 -10.17 -8.12 -1.35
CA ARG D 76 -11.51 -8.77 -1.34
C ARG D 76 -12.27 -8.42 -2.62
N GLU D 77 -11.91 -7.32 -3.28
CA GLU D 77 -12.71 -6.71 -4.37
C GLU D 77 -11.77 -6.46 -5.56
N GLU D 78 -11.92 -5.33 -6.24
CA GLU D 78 -10.98 -4.99 -7.34
C GLU D 78 -9.67 -4.47 -6.73
N PHE D 79 -8.53 -4.93 -7.24
CA PHE D 79 -7.25 -4.50 -6.67
C PHE D 79 -6.10 -4.83 -7.60
N TRP D 80 -4.96 -4.22 -7.28
CA TRP D 80 -3.62 -4.46 -7.87
C TRP D 80 -2.66 -4.78 -6.71
N LEU D 81 -1.96 -5.91 -6.76
CA LEU D 81 -1.12 -6.35 -5.61
C LEU D 81 0.10 -5.44 -5.42
N GLY D 82 0.64 -4.88 -6.51
CA GLY D 82 1.84 -4.03 -6.47
C GLY D 82 3.04 -4.72 -7.13
N LEU D 83 3.81 -3.93 -7.87
CA LEU D 83 4.96 -4.45 -8.65
C LEU D 83 6.10 -4.85 -7.71
N ASP D 84 6.34 -4.13 -6.62
CA ASP D 84 7.41 -4.53 -5.67
C ASP D 84 7.08 -5.93 -5.14
N ASN D 85 5.82 -6.16 -4.76
CA ASN D 85 5.36 -7.48 -4.27
C ASN D 85 5.51 -8.55 -5.36
N LEU D 86 5.14 -8.25 -6.60
CA LEU D 86 5.27 -9.24 -7.70
C LEU D 86 6.74 -9.59 -7.91
N ASN D 87 7.62 -8.62 -7.84
CA ASN D 87 9.07 -8.87 -7.98
C ASN D 87 9.52 -9.82 -6.87
N LYS D 88 9.16 -9.52 -5.63
CA LYS D 88 9.64 -10.33 -4.48
C LYS D 88 9.08 -11.75 -4.56
N ILE D 89 7.83 -11.92 -5.00
CA ILE D 89 7.23 -13.28 -5.12
C ILE D 89 7.95 -14.03 -6.24
N THR D 90 8.06 -13.43 -7.43
CA THR D 90 8.63 -14.13 -8.60
C THR D 90 10.13 -14.38 -8.41
N ALA D 91 10.81 -13.65 -7.53
CA ALA D 91 12.25 -13.88 -7.22
C ALA D 91 12.45 -15.16 -6.40
N GLN D 92 11.38 -15.71 -5.81
CA GLN D 92 11.44 -16.88 -4.89
C GLN D 92 11.68 -18.19 -5.64
N GLY D 93 11.42 -18.22 -6.94
CA GLY D 93 11.56 -19.44 -7.76
C GLY D 93 10.97 -19.25 -9.13
N GLN D 94 10.55 -20.35 -9.76
CA GLN D 94 9.96 -20.34 -11.12
C GLN D 94 8.44 -20.27 -10.95
N TYR D 95 7.82 -19.22 -11.48
CA TYR D 95 6.36 -19.03 -11.41
C TYR D 95 5.76 -19.05 -12.81
N GLU D 96 4.50 -19.46 -12.87
CA GLU D 96 3.64 -19.41 -14.07
C GLU D 96 2.51 -18.41 -13.84
N LEU D 97 2.02 -17.83 -14.93
CA LEU D 97 0.92 -16.84 -14.94
C LEU D 97 -0.36 -17.50 -15.45
N ARG D 98 -1.49 -17.19 -14.83
CA ARG D 98 -2.81 -17.53 -15.41
C ARG D 98 -3.64 -16.26 -15.48
N VAL D 99 -4.37 -16.12 -16.58
CA VAL D 99 -5.34 -15.03 -16.76
C VAL D 99 -6.71 -15.68 -16.97
N ASP D 100 -7.69 -15.32 -16.15
CA ASP D 100 -9.10 -15.75 -16.29
C ASP D 100 -9.92 -14.55 -16.74
N LEU D 101 -10.68 -14.70 -17.83
CA LEU D 101 -11.54 -13.64 -18.40
C LEU D 101 -12.98 -14.15 -18.43
N ARG D 102 -13.93 -13.28 -18.07
CA ARG D 102 -15.37 -13.58 -18.21
C ARG D 102 -16.07 -12.34 -18.74
N ASP D 103 -17.04 -12.54 -19.63
CA ASP D 103 -17.80 -11.43 -20.24
C ASP D 103 -19.20 -11.94 -20.59
N HIS D 104 -20.21 -11.53 -19.83
CA HIS D 104 -21.63 -11.77 -20.15
C HIS D 104 -21.82 -13.25 -20.51
N GLY D 105 -21.33 -14.15 -19.65
CA GLY D 105 -21.57 -15.61 -19.76
C GLY D 105 -20.51 -16.33 -20.59
N GLU D 106 -19.64 -15.59 -21.28
CA GLU D 106 -18.52 -16.17 -22.06
C GLU D 106 -17.26 -16.18 -21.19
N THR D 107 -16.42 -17.19 -21.34
CA THR D 107 -15.18 -17.35 -20.55
C THR D 107 -14.02 -17.72 -21.46
N ALA D 108 -12.83 -17.26 -21.10
CA ALA D 108 -11.57 -17.68 -21.73
C ALA D 108 -10.44 -17.57 -20.71
N PHE D 109 -9.30 -18.16 -21.01
CA PHE D 109 -8.13 -18.12 -20.12
C PHE D 109 -6.86 -18.21 -20.95
N ALA D 110 -5.77 -17.74 -20.35
CA ALA D 110 -4.41 -17.91 -20.89
C ALA D 110 -3.51 -18.36 -19.75
N VAL D 111 -2.60 -19.26 -20.03
CA VAL D 111 -1.51 -19.65 -19.10
C VAL D 111 -0.19 -19.37 -19.79
N TYR D 112 0.78 -18.87 -19.04
CA TYR D 112 2.17 -18.69 -19.49
C TYR D 112 3.07 -19.45 -18.52
N ASP D 113 3.79 -20.43 -19.04
CA ASP D 113 4.59 -21.35 -18.21
C ASP D 113 5.70 -20.60 -17.46
N LYS D 114 6.16 -19.46 -17.98
CA LYS D 114 7.22 -18.64 -17.35
C LYS D 114 6.70 -17.22 -17.16
N PHE D 115 6.74 -16.75 -15.93
CA PHE D 115 6.30 -15.39 -15.55
C PHE D 115 7.22 -14.85 -14.48
N SER D 116 7.85 -13.70 -14.74
CA SER D 116 8.67 -13.01 -13.74
C SER D 116 8.54 -11.49 -13.92
N VAL D 117 8.74 -10.78 -12.82
CA VAL D 117 8.77 -9.29 -12.82
C VAL D 117 10.08 -8.86 -12.17
N GLY D 118 10.85 -8.04 -12.88
CA GLY D 118 12.12 -7.48 -12.39
C GLY D 118 11.90 -6.49 -11.25
N ASP D 119 12.98 -6.04 -10.62
CA ASP D 119 12.86 -5.08 -9.49
C ASP D 119 12.77 -3.65 -10.05
N ALA D 120 12.68 -2.67 -9.16
CA ALA D 120 12.45 -1.25 -9.53
C ALA D 120 13.55 -0.76 -10.47
N LYS D 121 14.79 -1.22 -10.30
CA LYS D 121 15.97 -0.81 -11.10
C LYS D 121 15.75 -1.14 -12.59
N THR D 122 14.96 -2.19 -12.89
CA THR D 122 14.63 -2.64 -14.27
C THR D 122 13.31 -2.02 -14.73
N ARG D 123 12.73 -1.12 -13.93
CA ARG D 123 11.34 -0.62 -14.09
C ARG D 123 10.41 -1.82 -14.22
N TYR D 124 10.61 -2.84 -13.38
CA TYR D 124 9.71 -4.00 -13.22
C TYR D 124 9.58 -4.75 -14.55
N LYS D 125 10.72 -5.03 -15.19
CA LYS D 125 10.75 -5.66 -16.53
C LYS D 125 9.98 -6.98 -16.50
N LEU D 126 9.10 -7.17 -17.48
CA LEU D 126 8.23 -8.35 -17.60
C LEU D 126 8.92 -9.46 -18.39
N LYS D 127 8.90 -10.68 -17.85
CA LYS D 127 9.16 -11.90 -18.63
C LYS D 127 7.85 -12.70 -18.64
N VAL D 128 7.35 -13.02 -19.82
CA VAL D 128 6.12 -13.81 -19.97
C VAL D 128 6.30 -14.67 -21.23
N GLU D 129 6.33 -15.98 -21.03
CA GLU D 129 6.65 -16.95 -22.12
C GLU D 129 5.85 -18.24 -21.93
N GLY D 130 5.65 -18.95 -23.02
CA GLY D 130 5.11 -20.31 -22.98
C GLY D 130 3.60 -20.32 -22.86
N TYR D 131 2.91 -19.78 -23.86
CA TYR D 131 1.45 -19.66 -23.91
C TYR D 131 0.76 -21.03 -24.04
N SER D 132 -0.37 -21.15 -23.35
CA SER D 132 -1.45 -22.12 -23.68
C SER D 132 -2.80 -21.48 -23.35
N GLY D 133 -3.88 -22.06 -23.86
CA GLY D 133 -5.24 -21.69 -23.46
C GLY D 133 -6.13 -21.30 -24.63
N THR D 134 -7.13 -20.46 -24.35
CA THR D 134 -8.28 -20.16 -25.25
C THR D 134 -8.39 -18.66 -25.51
N ALA D 135 -7.81 -17.78 -24.68
CA ALA D 135 -7.99 -16.32 -24.80
C ALA D 135 -7.16 -15.75 -25.97
N GLY D 136 -6.15 -16.49 -26.44
CA GLY D 136 -5.24 -15.97 -27.47
C GLY D 136 -4.00 -15.36 -26.85
N ASP D 137 -2.88 -15.45 -27.54
CA ASP D 137 -1.56 -15.08 -26.97
C ASP D 137 -1.31 -13.58 -27.14
N SER D 138 -1.95 -12.78 -26.30
CA SER D 138 -1.84 -11.30 -26.32
C SER D 138 -0.69 -10.81 -25.44
N MET D 139 -0.18 -11.61 -24.50
CA MET D 139 0.96 -11.16 -23.66
C MET D 139 2.30 -11.23 -24.41
N ALA D 140 2.42 -12.05 -25.46
CA ALA D 140 3.72 -12.22 -26.16
C ALA D 140 4.26 -10.85 -26.57
N TYR D 141 3.39 -9.98 -27.07
CA TYR D 141 3.75 -8.62 -27.54
C TYR D 141 4.45 -7.83 -26.43
N HIS D 142 4.10 -8.12 -25.17
CA HIS D 142 4.56 -7.36 -23.98
C HIS D 142 5.83 -7.96 -23.36
N ASN D 143 6.23 -9.15 -23.76
CA ASN D 143 7.42 -9.82 -23.18
C ASN D 143 8.64 -8.90 -23.36
N GLY D 144 9.37 -8.66 -22.27
CA GLY D 144 10.60 -7.84 -22.26
C GLY D 144 10.38 -6.39 -21.91
N ARG D 145 9.12 -5.94 -21.82
CA ARG D 145 8.84 -4.49 -21.62
C ARG D 145 8.93 -4.11 -20.14
N SER D 146 9.39 -2.89 -19.92
CA SER D 146 9.31 -2.22 -18.60
C SER D 146 7.88 -1.73 -18.37
N PHE D 147 7.56 -1.44 -17.13
CA PHE D 147 6.23 -0.90 -16.76
C PHE D 147 6.20 0.60 -17.06
N SER D 148 5.00 1.12 -17.34
CA SER D 148 4.79 2.58 -17.49
C SER D 148 3.41 2.98 -16.98
N THR D 149 3.37 4.20 -16.43
CA THR D 149 2.16 4.87 -15.91
C THR D 149 2.06 6.25 -16.58
N PHE D 150 0.94 6.96 -16.38
CA PHE D 150 0.70 8.24 -17.08
C PHE D 150 1.80 9.24 -16.69
N ASP D 151 2.36 9.14 -15.49
CA ASP D 151 3.37 10.08 -14.95
C ASP D 151 4.80 9.57 -15.14
N LYS D 152 4.99 8.36 -15.68
CA LYS D 152 6.36 7.85 -15.95
C LYS D 152 6.35 7.06 -17.26
N ASP D 153 6.61 7.77 -18.36
CA ASP D 153 6.73 7.24 -19.74
C ASP D 153 8.12 6.61 -19.91
N THR D 154 8.34 5.91 -21.02
CA THR D 154 9.63 5.25 -21.36
C THR D 154 10.35 6.07 -22.43
N ASP D 155 11.65 5.85 -22.57
CA ASP D 155 12.50 6.55 -23.58
C ASP D 155 12.29 5.94 -24.98
N SER D 156 11.59 4.81 -25.10
CA SER D 156 11.35 4.11 -26.39
C SER D 156 9.93 4.34 -26.91
N ALA D 157 8.98 4.79 -26.09
CA ALA D 157 7.57 4.99 -26.48
C ALA D 157 7.43 6.14 -27.49
N ILE D 158 6.59 5.93 -28.50
CA ILE D 158 6.18 6.91 -29.56
C ILE D 158 5.16 7.90 -28.98
N THR D 159 4.23 7.40 -28.17
CA THR D 159 3.17 8.20 -27.50
C THR D 159 3.17 7.78 -26.03
N ASN D 160 2.55 8.58 -25.17
CA ASN D 160 2.36 8.19 -23.76
C ASN D 160 1.24 7.15 -23.71
N CYS D 161 1.59 5.87 -23.69
CA CYS D 161 0.60 4.76 -23.80
C CYS D 161 -0.39 4.83 -22.65
N ALA D 162 0.10 5.02 -21.43
CA ALA D 162 -0.73 5.00 -20.20
C ALA D 162 -1.75 6.15 -20.26
N LEU D 163 -1.31 7.33 -20.67
CA LEU D 163 -2.18 8.51 -20.82
C LEU D 163 -3.19 8.26 -21.94
N SER D 164 -2.74 7.79 -23.10
CA SER D 164 -3.60 7.59 -24.30
C SER D 164 -4.67 6.52 -24.03
N TYR D 165 -4.28 5.44 -23.37
CA TYR D 165 -5.12 4.22 -23.27
C TYR D 165 -5.57 3.99 -21.82
N LYS D 166 -5.55 5.05 -21.02
CA LYS D 166 -6.37 5.18 -19.79
C LYS D 166 -6.04 4.04 -18.82
N GLY D 167 -4.77 3.77 -18.62
CA GLY D 167 -4.36 2.64 -17.78
C GLY D 167 -2.91 2.69 -17.38
N ALA D 168 -2.37 1.52 -17.07
CA ALA D 168 -0.96 1.28 -16.73
C ALA D 168 -0.63 -0.14 -17.17
N PHE D 169 0.57 -0.36 -17.68
CA PHE D 169 0.94 -1.72 -18.12
C PHE D 169 2.42 -1.75 -18.49
N TRP D 170 2.87 -2.94 -18.83
CA TRP D 170 4.17 -3.16 -19.52
C TRP D 170 3.98 -2.82 -21.00
N TYR D 171 3.68 -1.55 -21.30
CA TYR D 171 3.33 -1.10 -22.65
C TYR D 171 4.55 -1.18 -23.58
N ARG D 172 4.27 -1.37 -24.86
CA ARG D 172 5.26 -1.20 -25.96
C ARG D 172 4.76 -0.03 -26.81
N ASN D 173 3.99 -0.30 -27.87
CA ASN D 173 3.48 0.78 -28.74
C ASN D 173 2.15 0.38 -29.37
N CYS D 174 1.11 0.15 -28.56
CA CYS D 174 1.11 0.28 -27.11
C CYS D 174 0.77 -1.06 -26.45
N HIS D 175 -0.27 -1.76 -26.90
CA HIS D 175 -0.70 -2.98 -26.19
C HIS D 175 -1.52 -3.94 -27.05
N ARG D 176 -1.48 -5.20 -26.65
CA ARG D 176 -2.51 -6.22 -26.99
C ARG D 176 -3.22 -6.68 -25.71
N VAL D 177 -2.71 -6.27 -24.55
CA VAL D 177 -3.36 -6.50 -23.22
C VAL D 177 -3.43 -5.17 -22.48
N ASN D 178 -4.61 -4.82 -21.96
CA ASN D 178 -4.82 -3.56 -21.21
C ASN D 178 -5.73 -3.86 -20.02
N LEU D 179 -5.41 -4.86 -19.22
CA LEU D 179 -6.33 -5.33 -18.15
C LEU D 179 -6.39 -4.33 -16.99
N MET D 180 -5.50 -3.35 -16.94
CA MET D 180 -5.61 -2.24 -15.96
C MET D 180 -6.12 -0.98 -16.67
N GLY D 181 -6.85 -1.17 -17.77
CA GLY D 181 -7.51 -0.09 -18.52
C GLY D 181 -8.81 0.37 -17.87
N ARG D 182 -9.56 1.20 -18.57
CA ARG D 182 -10.68 1.93 -17.94
C ARG D 182 -11.98 1.13 -18.07
N TYR D 183 -12.62 0.88 -16.93
CA TYR D 183 -13.81 -0.01 -16.88
C TYR D 183 -14.92 0.58 -17.75
N GLY D 184 -15.55 -0.27 -18.56
CA GLY D 184 -16.71 0.09 -19.40
C GLY D 184 -16.33 0.90 -20.62
N ASP D 185 -15.03 1.13 -20.87
CA ASP D 185 -14.58 2.00 -21.97
C ASP D 185 -14.42 1.17 -23.25
N ASN D 186 -15.38 1.24 -24.17
CA ASN D 186 -15.34 0.48 -25.44
C ASN D 186 -14.62 1.28 -26.52
N ASN D 187 -14.15 2.49 -26.23
CA ASN D 187 -13.35 3.25 -27.24
C ASN D 187 -12.04 2.49 -27.49
N HIS D 188 -11.58 2.55 -28.74
CA HIS D 188 -10.46 1.72 -29.25
C HIS D 188 -9.26 1.78 -28.29
N SER D 189 -8.89 0.63 -27.73
CA SER D 189 -7.64 0.42 -26.96
C SER D 189 -7.69 1.04 -25.55
N GLU D 190 -8.83 1.57 -25.10
CA GLU D 190 -8.88 2.32 -23.82
C GLU D 190 -9.44 1.49 -22.67
N GLY D 191 -10.05 0.35 -22.95
CA GLY D 191 -10.79 -0.44 -21.95
C GLY D 191 -9.99 -1.58 -21.37
N VAL D 192 -10.73 -2.47 -20.70
CA VAL D 192 -10.18 -3.70 -20.09
C VAL D 192 -10.04 -4.69 -21.24
N ASN D 193 -8.92 -4.63 -21.95
CA ASN D 193 -8.80 -5.26 -23.29
C ASN D 193 -7.91 -6.51 -23.25
N TRP D 194 -8.33 -7.53 -23.97
CA TRP D 194 -7.46 -8.68 -24.32
C TRP D 194 -7.63 -8.90 -25.83
N PHE D 195 -6.70 -8.38 -26.61
CA PHE D 195 -6.91 -8.20 -28.06
C PHE D 195 -7.36 -9.50 -28.73
N HIS D 196 -6.69 -10.62 -28.44
CA HIS D 196 -6.93 -11.88 -29.19
C HIS D 196 -8.19 -12.59 -28.72
N TRP D 197 -8.90 -12.07 -27.70
CA TRP D 197 -10.22 -12.61 -27.30
C TRP D 197 -11.34 -11.72 -27.83
N LYS D 198 -11.32 -10.42 -27.51
CA LYS D 198 -12.47 -9.53 -27.82
C LYS D 198 -12.04 -8.26 -28.56
N GLY D 199 -10.78 -8.12 -28.94
CA GLY D 199 -10.29 -6.97 -29.74
C GLY D 199 -10.12 -5.71 -28.91
N HIS D 200 -9.91 -4.59 -29.59
CA HIS D 200 -9.57 -3.28 -28.96
C HIS D 200 -10.82 -2.46 -28.63
N GLU D 201 -12.01 -2.84 -29.11
CA GLU D 201 -13.23 -2.01 -28.94
C GLU D 201 -14.26 -2.74 -28.06
N HIS D 202 -13.78 -3.51 -27.10
CA HIS D 202 -14.64 -4.26 -26.16
C HIS D 202 -13.94 -4.35 -24.81
N SER D 203 -14.50 -3.65 -23.82
CA SER D 203 -14.03 -3.67 -22.42
C SER D 203 -14.65 -4.87 -21.72
N ILE D 204 -13.80 -5.76 -21.21
CA ILE D 204 -14.19 -7.06 -20.59
C ILE D 204 -14.73 -6.81 -19.18
N GLN D 205 -15.77 -7.55 -18.81
CA GLN D 205 -16.47 -7.42 -17.52
C GLN D 205 -15.60 -7.89 -16.35
N PHE D 206 -14.92 -9.02 -16.51
CA PHE D 206 -14.23 -9.70 -15.39
C PHE D 206 -12.86 -10.16 -15.86
N ALA D 207 -11.82 -9.83 -15.09
CA ALA D 207 -10.45 -10.31 -15.40
C ALA D 207 -9.70 -10.54 -14.10
N GLU D 208 -8.99 -11.65 -14.02
CA GLU D 208 -8.03 -11.91 -12.92
C GLU D 208 -6.70 -12.31 -13.54
N MET D 209 -5.61 -11.78 -13.00
CA MET D 209 -4.24 -12.28 -13.26
C MET D 209 -3.73 -12.89 -11.96
N LYS D 210 -3.07 -14.04 -12.03
CA LYS D 210 -2.68 -14.79 -10.83
C LYS D 210 -1.41 -15.58 -11.13
N LEU D 211 -0.64 -15.92 -10.10
CA LEU D 211 0.62 -16.67 -10.28
C LEU D 211 0.79 -17.76 -9.22
N ARG D 212 1.50 -18.79 -9.62
CA ARG D 212 1.83 -19.92 -8.71
C ARG D 212 3.13 -20.54 -9.20
N PRO D 213 3.82 -21.34 -8.35
CA PRO D 213 5.03 -22.01 -8.80
C PRO D 213 4.78 -22.92 -10.00
N SER D 214 5.72 -22.92 -10.94
CA SER D 214 5.71 -23.79 -12.15
C SER D 214 5.33 -25.22 -11.74
N ASN D 215 4.30 -25.76 -12.40
CA ASN D 215 3.89 -27.20 -12.39
C ASN D 215 3.20 -27.57 -11.07
N PHE D 216 2.87 -26.63 -10.19
CA PHE D 216 2.03 -26.94 -9.00
C PHE D 216 0.62 -27.34 -9.45
#